data_1R2F
#
_entry.id   1R2F
#
_cell.length_a   58.490
_cell.length_b   71.740
_cell.length_c   96.070
_cell.angle_alpha   90.00
_cell.angle_beta   95.01
_cell.angle_gamma   90.00
#
_symmetry.space_group_name_H-M   'P 1 21 1'
#
loop_
_entity.id
_entity.type
_entity.pdbx_description
1 polymer 'PROTEIN (RIBONUCLEOTIDE REDUCTASE R2)'
2 non-polymer 'FE (III) ION'
3 water water
#
_entity_poly.entity_id   1
_entity_poly.type   'polypeptide(L)'
_entity_poly.pdbx_seq_one_letter_code
;MKLSRISAINWNKIQDDKDLEVWNRLTSNFWLPEKVPLSNDIPAWQTLSAAEQQLTIRVFTGLTLLDTIQNIAGAPSLMA
DAITPHEEAVLSNISFMEAVHARSYSSIFSTLCQTKEVDAAYAWSEENPPLQRKAQIILAHYVSDEPLKKKIASVFLESF
LFYSGFWLPMYFSSRGKLTNTADLIRLIIRDEAVHGYYIGYKYQIALQKLSAIEREELKLFALDLLMELYDNEIRYTEAL
YAETGWVNDVKAFLCYNANKALMNLGYEALFPPEMADVNPAILAALSPNADENHDFFSGSGSSYVMGKTVETEDEDWNF
;
_entity_poly.pdbx_strand_id   A,B
#
# COMPACT_ATOMS: atom_id res chain seq x y z
N ILE A 6 6.67 -6.82 17.47
CA ILE A 6 5.77 -5.81 16.84
C ILE A 6 4.88 -5.14 17.87
N SER A 7 5.02 -3.81 18.00
CA SER A 7 4.23 -3.03 18.93
C SER A 7 3.21 -2.19 18.16
N ALA A 8 2.09 -1.88 18.79
CA ALA A 8 1.07 -1.06 18.16
C ALA A 8 1.70 0.28 17.81
N ILE A 9 1.43 0.78 16.61
CA ILE A 9 2.00 2.04 16.16
C ILE A 9 1.33 3.24 16.85
N ASN A 10 2.13 4.21 17.28
CA ASN A 10 1.61 5.41 17.94
C ASN A 10 1.96 6.65 17.14
N TRP A 11 0.99 7.23 16.45
CA TRP A 11 1.27 8.42 15.66
C TRP A 11 1.32 9.71 16.48
N ASN A 12 1.25 9.58 17.80
CA ASN A 12 1.33 10.75 18.68
C ASN A 12 2.70 10.75 19.36
N LYS A 13 3.56 9.87 18.89
CA LYS A 13 4.93 9.78 19.39
C LYS A 13 5.84 9.63 18.19
N ILE A 14 5.72 10.59 17.28
CA ILE A 14 6.53 10.62 16.06
C ILE A 14 8.00 10.70 16.43
N GLN A 15 8.83 9.90 15.79
CA GLN A 15 10.26 9.90 16.07
C GLN A 15 11.02 10.78 15.10
N ASP A 16 10.42 11.01 13.93
CA ASP A 16 11.02 11.86 12.92
C ASP A 16 9.88 12.54 12.19
N ASP A 17 9.72 13.84 12.44
CA ASP A 17 8.65 14.62 11.83
C ASP A 17 8.49 14.41 10.34
N LYS A 18 9.59 14.21 9.63
CA LYS A 18 9.50 14.04 8.19
C LYS A 18 8.61 12.86 7.81
N ASP A 19 8.55 11.84 8.66
CA ASP A 19 7.70 10.68 8.41
C ASP A 19 6.24 11.12 8.36
N LEU A 20 5.86 12.01 9.28
CA LEU A 20 4.49 12.49 9.33
C LEU A 20 4.18 13.46 8.19
N GLU A 21 5.15 14.28 7.81
CA GLU A 21 4.97 15.23 6.71
C GLU A 21 4.70 14.44 5.43
N VAL A 22 5.60 13.49 5.15
CA VAL A 22 5.50 12.66 3.96
C VAL A 22 4.21 11.86 3.98
N TRP A 23 3.88 11.26 5.12
CA TRP A 23 2.64 10.51 5.20
C TRP A 23 1.47 11.42 4.81
N ASN A 24 1.39 12.60 5.42
CA ASN A 24 0.30 13.51 5.09
C ASN A 24 0.33 14.00 3.65
N ARG A 25 1.50 14.33 3.12
CA ARG A 25 1.55 14.78 1.74
C ARG A 25 1.12 13.67 0.77
N LEU A 26 1.69 12.47 0.91
CA LEU A 26 1.34 11.36 0.03
C LEU A 26 -0.14 10.96 0.09
N THR A 27 -0.66 10.78 1.31
CA THR A 27 -2.06 10.39 1.45
C THR A 27 -3.00 11.49 0.95
N SER A 28 -2.64 12.74 1.20
CA SER A 28 -3.46 13.85 0.74
C SER A 28 -3.46 13.97 -0.78
N ASN A 29 -2.39 13.48 -1.41
CA ASN A 29 -2.29 13.52 -2.86
C ASN A 29 -2.89 12.30 -3.55
N PHE A 30 -3.63 11.50 -2.80
CA PHE A 30 -4.28 10.32 -3.36
C PHE A 30 -5.09 10.68 -4.60
N TRP A 31 -5.07 9.79 -5.59
CA TRP A 31 -5.80 9.96 -6.82
C TRP A 31 -5.94 8.60 -7.51
N LEU A 32 -6.81 8.55 -8.50
CA LEU A 32 -7.05 7.35 -9.29
C LEU A 32 -7.24 7.85 -10.72
N PRO A 33 -6.82 7.03 -11.71
CA PRO A 33 -6.94 7.41 -13.12
C PRO A 33 -8.37 7.71 -13.57
N GLU A 34 -9.35 7.06 -12.94
CA GLU A 34 -10.74 7.29 -13.29
C GLU A 34 -11.10 8.76 -13.08
N LYS A 35 -10.38 9.44 -12.18
CA LYS A 35 -10.67 10.85 -11.91
C LYS A 35 -10.14 11.81 -12.98
N VAL A 36 -9.39 11.28 -13.94
CA VAL A 36 -8.83 12.09 -15.03
C VAL A 36 -9.63 11.89 -16.30
N PRO A 37 -10.19 12.99 -16.85
CA PRO A 37 -10.97 12.87 -18.09
C PRO A 37 -10.05 12.57 -19.29
N LEU A 38 -9.55 11.35 -19.34
CA LEU A 38 -8.67 10.89 -20.41
C LEU A 38 -9.34 10.84 -21.78
N SER A 39 -10.65 10.56 -21.79
CA SER A 39 -11.41 10.45 -23.03
C SER A 39 -11.33 11.74 -23.85
N ASN A 40 -11.05 12.86 -23.19
CA ASN A 40 -10.94 14.15 -23.86
C ASN A 40 -9.68 14.26 -24.71
N ASP A 41 -8.82 13.24 -24.66
CA ASP A 41 -7.57 13.20 -25.44
C ASP A 41 -7.76 12.42 -26.74
N ILE A 42 -8.92 11.81 -26.90
CA ILE A 42 -9.18 11.02 -28.09
C ILE A 42 -8.92 11.76 -29.40
N PRO A 43 -9.37 13.01 -29.53
CA PRO A 43 -9.12 13.76 -30.77
C PRO A 43 -7.61 13.97 -30.99
N ALA A 44 -6.91 14.37 -29.92
CA ALA A 44 -5.46 14.60 -30.00
C ALA A 44 -4.73 13.33 -30.45
N TRP A 45 -5.13 12.20 -29.89
CA TRP A 45 -4.49 10.94 -30.25
C TRP A 45 -4.59 10.66 -31.74
N GLN A 46 -5.73 11.03 -32.33
CA GLN A 46 -5.96 10.80 -33.75
C GLN A 46 -5.08 11.69 -34.62
N THR A 47 -4.52 12.75 -34.04
CA THR A 47 -3.67 13.63 -34.83
C THR A 47 -2.20 13.20 -34.75
N LEU A 48 -1.92 12.14 -34.01
CA LEU A 48 -0.55 11.65 -33.91
C LEU A 48 -0.29 10.67 -35.06
N SER A 49 0.96 10.61 -35.54
CA SER A 49 1.28 9.70 -36.63
C SER A 49 1.32 8.27 -36.08
N ALA A 50 1.32 7.29 -36.98
CA ALA A 50 1.37 5.90 -36.58
C ALA A 50 2.64 5.68 -35.77
N ALA A 51 3.72 6.29 -36.24
CA ALA A 51 5.01 6.18 -35.56
C ALA A 51 4.94 6.77 -34.15
N GLU A 52 4.33 7.93 -34.02
CA GLU A 52 4.20 8.59 -32.73
C GLU A 52 3.34 7.79 -31.77
N GLN A 53 2.30 7.15 -32.28
CA GLN A 53 1.41 6.36 -31.45
C GLN A 53 2.13 5.12 -30.90
N GLN A 54 2.94 4.48 -31.74
CA GLN A 54 3.69 3.30 -31.32
C GLN A 54 4.69 3.68 -30.25
N LEU A 55 5.36 4.81 -30.48
CA LEU A 55 6.35 5.33 -29.54
C LEU A 55 5.72 5.56 -28.18
N THR A 56 4.57 6.25 -28.18
CA THR A 56 3.87 6.54 -26.95
C THR A 56 3.54 5.25 -26.19
N ILE A 57 2.94 4.30 -26.89
CA ILE A 57 2.55 3.03 -26.28
C ILE A 57 3.74 2.27 -25.69
N ARG A 58 4.85 2.20 -26.44
CA ARG A 58 6.04 1.52 -25.96
C ARG A 58 6.62 2.24 -24.74
N VAL A 59 6.73 3.56 -24.80
CA VAL A 59 7.23 4.32 -23.66
C VAL A 59 6.39 4.02 -22.41
N PHE A 60 5.08 4.07 -22.57
CA PHE A 60 4.18 3.81 -21.44
C PHE A 60 4.26 2.38 -20.94
N THR A 61 4.53 1.42 -21.81
CA THR A 61 4.63 0.05 -21.31
C THR A 61 5.93 -0.08 -20.54
N GLY A 62 6.95 0.67 -20.96
CA GLY A 62 8.22 0.64 -20.26
C GLY A 62 8.01 1.22 -18.86
N LEU A 63 7.26 2.31 -18.78
CA LEU A 63 6.99 2.94 -17.49
C LEU A 63 6.24 1.99 -16.60
N THR A 64 5.31 1.24 -17.19
CA THR A 64 4.47 0.29 -16.47
C THR A 64 5.31 -0.81 -15.85
N LEU A 65 6.31 -1.31 -16.59
CA LEU A 65 7.17 -2.36 -16.07
C LEU A 65 7.89 -1.86 -14.81
N LEU A 66 8.46 -0.65 -14.89
CA LEU A 66 9.16 -0.08 -13.75
C LEU A 66 8.25 0.11 -12.53
N ASP A 67 7.02 0.60 -12.74
CA ASP A 67 6.09 0.77 -11.62
C ASP A 67 5.69 -0.57 -11.03
N THR A 68 5.50 -1.57 -11.90
CA THR A 68 5.12 -2.90 -11.42
C THR A 68 6.24 -3.41 -10.52
N ILE A 69 7.49 -3.21 -10.94
CA ILE A 69 8.62 -3.64 -10.15
C ILE A 69 8.65 -2.89 -8.81
N GLN A 70 8.51 -1.57 -8.84
CA GLN A 70 8.54 -0.79 -7.61
C GLN A 70 7.42 -1.22 -6.66
N ASN A 71 6.26 -1.54 -7.23
CA ASN A 71 5.12 -2.00 -6.42
C ASN A 71 5.39 -3.37 -5.79
N ILE A 72 5.84 -4.31 -6.62
CA ILE A 72 6.13 -5.69 -6.21
C ILE A 72 7.39 -5.93 -5.39
N ALA A 73 8.52 -5.48 -5.93
CA ALA A 73 9.81 -5.70 -5.28
C ALA A 73 10.44 -4.50 -4.59
N GLY A 74 10.50 -3.36 -5.29
CA GLY A 74 11.11 -2.18 -4.73
C GLY A 74 10.61 -1.70 -3.38
N ALA A 75 9.46 -1.02 -3.37
CA ALA A 75 8.91 -0.50 -2.12
C ALA A 75 8.93 -1.53 -0.99
N PRO A 76 8.26 -2.67 -1.15
CA PRO A 76 8.24 -3.68 -0.09
C PRO A 76 9.62 -4.15 0.34
N SER A 77 10.61 -3.98 -0.53
CA SER A 77 11.97 -4.38 -0.22
C SER A 77 12.58 -3.42 0.82
N LEU A 78 12.18 -2.16 0.76
CA LEU A 78 12.70 -1.16 1.68
C LEU A 78 12.09 -1.28 3.07
N MET A 79 10.96 -1.99 3.14
CA MET A 79 10.21 -2.22 4.36
C MET A 79 11.06 -2.73 5.54
N ALA A 80 11.73 -3.84 5.33
CA ALA A 80 12.56 -4.44 6.37
C ALA A 80 13.74 -3.58 6.77
N ASP A 81 13.90 -2.43 6.11
CA ASP A 81 15.04 -1.55 6.42
C ASP A 81 14.59 -0.22 7.02
N ALA A 82 13.30 -0.07 7.26
CA ALA A 82 12.78 1.17 7.84
C ALA A 82 13.33 1.34 9.26
N ILE A 83 13.61 2.58 9.65
CA ILE A 83 14.13 2.82 10.99
C ILE A 83 13.09 3.33 11.98
N THR A 84 11.85 3.54 11.54
CA THR A 84 10.77 3.96 12.44
C THR A 84 9.47 3.28 12.01
N PRO A 85 8.59 2.98 12.98
CA PRO A 85 7.34 2.33 12.61
C PRO A 85 6.52 3.15 11.61
N HIS A 86 6.67 4.47 11.68
CA HIS A 86 5.92 5.33 10.77
C HIS A 86 6.46 5.25 9.34
N GLU A 87 7.76 4.98 9.20
CA GLU A 87 8.37 4.84 7.88
C GLU A 87 7.70 3.66 7.19
N GLU A 88 7.55 2.55 7.92
CA GLU A 88 6.93 1.35 7.38
C GLU A 88 5.53 1.65 6.83
N ALA A 89 4.77 2.47 7.55
CA ALA A 89 3.44 2.84 7.09
C ALA A 89 3.50 3.63 5.80
N VAL A 90 4.44 4.58 5.73
CA VAL A 90 4.59 5.39 4.52
C VAL A 90 5.02 4.51 3.34
N LEU A 91 5.90 3.55 3.58
CA LEU A 91 6.35 2.67 2.51
C LEU A 91 5.21 1.81 1.97
N SER A 92 4.24 1.49 2.82
CA SER A 92 3.11 0.69 2.34
C SER A 92 2.25 1.58 1.43
N ASN A 93 2.22 2.89 1.68
CA ASN A 93 1.45 3.78 0.81
C ASN A 93 2.16 3.91 -0.53
N ILE A 94 3.46 4.10 -0.48
CA ILE A 94 4.28 4.21 -1.69
C ILE A 94 4.02 2.97 -2.56
N SER A 95 4.14 1.79 -1.97
CA SER A 95 3.90 0.55 -2.70
C SER A 95 2.53 0.53 -3.37
N PHE A 96 1.49 0.90 -2.63
CA PHE A 96 0.14 0.94 -3.17
C PHE A 96 0.07 1.92 -4.33
N MET A 97 0.59 3.13 -4.14
CA MET A 97 0.53 4.11 -5.20
C MET A 97 1.30 3.68 -6.46
N GLU A 98 2.38 2.92 -6.30
CA GLU A 98 3.10 2.44 -7.48
C GLU A 98 2.12 1.55 -8.25
N ALA A 99 1.24 0.85 -7.53
CA ALA A 99 0.25 -0.01 -8.18
C ALA A 99 -0.73 0.88 -8.96
N VAL A 100 -1.14 1.99 -8.35
CA VAL A 100 -2.06 2.92 -9.02
C VAL A 100 -1.36 3.50 -10.26
N HIS A 101 -0.09 3.86 -10.12
CA HIS A 101 0.66 4.40 -11.26
C HIS A 101 0.64 3.38 -12.41
N ALA A 102 0.99 2.14 -12.08
CA ALA A 102 1.04 1.09 -13.09
C ALA A 102 -0.33 0.92 -13.75
N ARG A 103 -1.36 0.89 -12.92
CA ARG A 103 -2.73 0.70 -13.40
C ARG A 103 -3.18 1.81 -14.35
N SER A 104 -2.70 3.04 -14.10
CA SER A 104 -3.03 4.20 -14.90
C SER A 104 -2.70 4.07 -16.38
N TYR A 105 -1.60 3.38 -16.69
CA TYR A 105 -1.24 3.22 -18.08
C TYR A 105 -2.27 2.35 -18.81
N SER A 106 -2.80 1.34 -18.14
CA SER A 106 -3.81 0.50 -18.78
C SER A 106 -5.07 1.36 -19.02
N SER A 107 -5.31 2.33 -18.14
CA SER A 107 -6.46 3.22 -18.28
C SER A 107 -6.27 4.03 -19.55
N ILE A 108 -5.05 4.50 -19.76
CA ILE A 108 -4.75 5.28 -20.95
C ILE A 108 -4.90 4.41 -22.19
N PHE A 109 -4.33 3.21 -22.16
CA PHE A 109 -4.42 2.30 -23.30
C PHE A 109 -5.87 1.97 -23.60
N SER A 110 -6.66 1.74 -22.56
CA SER A 110 -8.06 1.41 -22.73
C SER A 110 -8.85 2.54 -23.38
N THR A 111 -8.55 3.76 -22.98
CA THR A 111 -9.25 4.94 -23.50
C THR A 111 -8.84 5.40 -24.89
N LEU A 112 -7.55 5.36 -25.18
CA LEU A 112 -7.05 5.83 -26.45
C LEU A 112 -6.64 4.84 -27.53
N CYS A 113 -6.12 3.69 -27.10
CA CYS A 113 -5.58 2.69 -28.03
C CYS A 113 -6.42 1.47 -28.41
N GLN A 114 -5.85 0.71 -29.35
CA GLN A 114 -6.45 -0.54 -29.86
C GLN A 114 -5.72 -1.73 -29.23
N THR A 115 -6.47 -2.76 -28.87
CA THR A 115 -5.90 -3.95 -28.24
C THR A 115 -4.67 -4.51 -28.95
N LYS A 116 -4.76 -4.63 -30.27
CA LYS A 116 -3.66 -5.16 -31.06
C LYS A 116 -2.35 -4.42 -30.82
N GLU A 117 -2.35 -3.11 -31.05
CA GLU A 117 -1.13 -2.31 -30.89
C GLU A 117 -0.61 -2.31 -29.45
N VAL A 118 -1.50 -2.42 -28.46
CA VAL A 118 -1.06 -2.46 -27.07
C VAL A 118 -0.33 -3.78 -26.79
N ASP A 119 -0.93 -4.88 -27.23
CA ASP A 119 -0.35 -6.21 -27.05
C ASP A 119 1.02 -6.29 -27.71
N ALA A 120 1.17 -5.66 -28.87
CA ALA A 120 2.45 -5.66 -29.56
C ALA A 120 3.49 -4.92 -28.71
N ALA A 121 3.07 -3.80 -28.10
CA ALA A 121 3.96 -3.01 -27.26
C ALA A 121 4.42 -3.82 -26.05
N TYR A 122 3.50 -4.55 -25.44
CA TYR A 122 3.87 -5.36 -24.29
C TYR A 122 4.87 -6.42 -24.73
N ALA A 123 4.64 -7.02 -25.90
CA ALA A 123 5.56 -8.04 -26.42
C ALA A 123 6.94 -7.38 -26.55
N TRP A 124 6.96 -6.20 -27.16
CA TRP A 124 8.19 -5.44 -27.34
C TRP A 124 8.93 -5.23 -26.01
N SER A 125 8.19 -4.87 -24.97
CA SER A 125 8.79 -4.62 -23.67
C SER A 125 9.47 -5.86 -23.09
N GLU A 126 8.92 -7.03 -23.38
CA GLU A 126 9.51 -8.28 -22.87
C GLU A 126 10.86 -8.54 -23.51
N GLU A 127 11.06 -8.00 -24.71
CA GLU A 127 12.29 -8.26 -25.47
C GLU A 127 13.29 -7.13 -25.63
N ASN A 128 12.91 -5.90 -25.34
CA ASN A 128 13.82 -4.78 -25.50
C ASN A 128 15.01 -4.91 -24.54
N PRO A 129 16.23 -5.05 -25.09
CA PRO A 129 17.44 -5.20 -24.25
C PRO A 129 17.67 -4.10 -23.21
N PRO A 130 17.66 -2.82 -23.62
CA PRO A 130 17.88 -1.74 -22.64
C PRO A 130 16.84 -1.75 -21.52
N LEU A 131 15.59 -2.01 -21.87
CA LEU A 131 14.51 -2.03 -20.88
C LEU A 131 14.69 -3.17 -19.90
N GLN A 132 14.95 -4.38 -20.41
CA GLN A 132 15.15 -5.55 -19.56
C GLN A 132 16.42 -5.39 -18.75
N ARG A 133 17.42 -4.73 -19.32
CA ARG A 133 18.67 -4.51 -18.62
C ARG A 133 18.45 -3.61 -17.39
N LYS A 134 17.76 -2.48 -17.56
CA LYS A 134 17.55 -1.64 -16.38
C LYS A 134 16.66 -2.33 -15.36
N ALA A 135 15.66 -3.08 -15.84
CA ALA A 135 14.78 -3.81 -14.93
C ALA A 135 15.60 -4.84 -14.14
N GLN A 136 16.57 -5.45 -14.82
CA GLN A 136 17.45 -6.46 -14.21
C GLN A 136 18.38 -5.86 -13.17
N ILE A 137 19.02 -4.74 -13.53
CA ILE A 137 19.94 -4.06 -12.63
C ILE A 137 19.24 -3.67 -11.32
N ILE A 138 18.07 -3.03 -11.44
CA ILE A 138 17.35 -2.62 -10.27
C ILE A 138 16.93 -3.80 -9.39
N LEU A 139 16.31 -4.81 -10.01
CA LEU A 139 15.87 -5.99 -9.28
C LEU A 139 16.97 -6.69 -8.52
N ALA A 140 18.14 -6.80 -9.14
CA ALA A 140 19.27 -7.46 -8.48
C ALA A 140 19.58 -6.76 -7.15
N HIS A 141 19.49 -5.43 -7.14
CA HIS A 141 19.75 -4.69 -5.92
C HIS A 141 18.62 -4.86 -4.91
N TYR A 142 17.38 -4.91 -5.39
CA TYR A 142 16.23 -5.10 -4.50
C TYR A 142 16.24 -6.47 -3.81
N VAL A 143 16.77 -7.49 -4.47
CA VAL A 143 16.79 -8.81 -3.86
C VAL A 143 18.04 -9.05 -3.01
N SER A 144 19.02 -8.17 -3.12
CA SER A 144 20.27 -8.32 -2.36
C SER A 144 20.02 -8.08 -0.87
N ASP A 145 21.11 -8.05 -0.11
CA ASP A 145 21.02 -7.82 1.33
C ASP A 145 21.77 -6.56 1.72
N GLU A 146 21.90 -5.64 0.77
CA GLU A 146 22.57 -4.38 1.03
C GLU A 146 21.55 -3.26 0.98
N PRO A 147 20.97 -2.94 2.13
CA PRO A 147 19.94 -1.92 2.31
C PRO A 147 20.22 -0.56 1.65
N LEU A 148 21.43 -0.07 1.77
CA LEU A 148 21.74 1.24 1.21
C LEU A 148 21.90 1.22 -0.32
N LYS A 149 22.35 0.10 -0.88
CA LYS A 149 22.48 0.02 -2.33
C LYS A 149 21.07 -0.10 -2.88
N LYS A 150 20.18 -0.60 -2.02
CA LYS A 150 18.78 -0.78 -2.36
C LYS A 150 18.10 0.59 -2.46
N LYS A 151 18.42 1.48 -1.53
CA LYS A 151 17.83 2.82 -1.54
C LYS A 151 18.43 3.66 -2.68
N ILE A 152 19.70 3.46 -2.99
CA ILE A 152 20.33 4.17 -4.09
C ILE A 152 19.62 3.77 -5.39
N ALA A 153 19.45 2.48 -5.60
CA ALA A 153 18.79 2.00 -6.82
C ALA A 153 17.37 2.55 -6.89
N SER A 154 16.68 2.53 -5.77
CA SER A 154 15.31 3.03 -5.69
C SER A 154 15.19 4.52 -6.04
N VAL A 155 16.15 5.33 -5.59
CA VAL A 155 16.12 6.76 -5.91
C VAL A 155 16.39 6.98 -7.39
N PHE A 156 17.35 6.22 -7.94
CA PHE A 156 17.66 6.32 -9.37
C PHE A 156 16.43 5.93 -10.19
N LEU A 157 15.63 5.00 -9.68
CA LEU A 157 14.42 4.59 -10.39
C LEU A 157 13.36 5.68 -10.28
N GLU A 158 13.14 6.17 -9.06
CA GLU A 158 12.15 7.21 -8.81
C GLU A 158 12.48 8.55 -9.50
N SER A 159 13.74 8.98 -9.38
CA SER A 159 14.12 10.27 -9.95
C SER A 159 14.89 10.28 -11.27
N PHE A 160 15.18 9.12 -11.85
CA PHE A 160 15.90 9.12 -13.11
C PHE A 160 15.31 8.26 -14.21
N LEU A 161 15.16 6.97 -13.96
CA LEU A 161 14.68 6.01 -14.95
C LEU A 161 13.32 6.24 -15.63
N PHE A 162 12.38 6.96 -15.02
CA PHE A 162 11.08 7.20 -15.67
C PHE A 162 11.12 8.38 -16.61
N TYR A 163 12.07 9.28 -16.40
CA TYR A 163 12.07 10.47 -17.21
C TYR A 163 12.28 10.37 -18.72
N SER A 164 12.89 9.29 -19.22
CA SER A 164 13.03 9.17 -20.66
C SER A 164 11.61 8.95 -21.20
N GLY A 165 10.71 8.55 -20.30
CA GLY A 165 9.32 8.31 -20.68
C GLY A 165 8.40 9.49 -20.40
N PHE A 166 8.57 10.14 -19.25
CA PHE A 166 7.74 11.29 -18.88
C PHE A 166 7.91 12.43 -19.88
N TRP A 167 9.08 12.51 -20.50
CA TRP A 167 9.38 13.55 -21.46
C TRP A 167 8.37 13.64 -22.60
N LEU A 168 7.95 12.50 -23.12
CA LEU A 168 7.03 12.48 -24.25
C LEU A 168 5.68 13.16 -24.00
N PRO A 169 4.93 12.71 -22.97
CA PRO A 169 3.64 13.37 -22.74
C PRO A 169 3.82 14.88 -22.47
N MET A 170 4.94 15.26 -21.85
CA MET A 170 5.18 16.69 -21.59
C MET A 170 5.37 17.43 -22.91
N TYR A 171 6.10 16.83 -23.84
CA TYR A 171 6.33 17.44 -25.15
C TYR A 171 5.01 17.63 -25.90
N PHE A 172 4.24 16.55 -26.00
CA PHE A 172 2.95 16.58 -26.68
C PHE A 172 2.03 17.66 -26.09
N SER A 173 2.04 17.76 -24.77
CA SER A 173 1.21 18.73 -24.07
C SER A 173 1.60 20.16 -24.45
N SER A 174 2.89 20.38 -24.69
CA SER A 174 3.36 21.71 -25.05
C SER A 174 2.85 22.08 -26.44
N ARG A 175 2.34 21.08 -27.16
CA ARG A 175 1.81 21.31 -28.50
C ARG A 175 0.28 21.23 -28.45
N GLY A 176 -0.27 21.02 -27.25
CA GLY A 176 -1.71 20.93 -27.10
C GLY A 176 -2.28 19.55 -27.35
N LYS A 177 -1.43 18.54 -27.29
CA LYS A 177 -1.87 17.18 -27.53
C LYS A 177 -1.73 16.31 -26.29
N LEU A 178 -2.70 15.41 -26.09
CA LEU A 178 -2.70 14.51 -24.93
C LEU A 178 -2.49 15.23 -23.61
N THR A 179 -3.13 16.40 -23.47
CA THR A 179 -3.01 17.21 -22.26
C THR A 179 -3.57 16.53 -21.02
N ASN A 180 -4.62 15.74 -21.17
CA ASN A 180 -5.21 15.05 -20.01
C ASN A 180 -4.33 13.90 -19.58
N THR A 181 -3.64 13.29 -20.55
CA THR A 181 -2.74 12.20 -20.25
C THR A 181 -1.57 12.84 -19.50
N ALA A 182 -1.16 14.02 -19.97
CA ALA A 182 -0.07 14.73 -19.32
C ALA A 182 -0.45 15.12 -17.89
N ASP A 183 -1.72 15.48 -17.68
CA ASP A 183 -2.17 15.83 -16.33
C ASP A 183 -1.99 14.62 -15.42
N LEU A 184 -2.37 13.45 -15.93
CA LEU A 184 -2.24 12.23 -15.16
C LEU A 184 -0.76 11.99 -14.84
N ILE A 185 0.10 12.13 -15.85
CA ILE A 185 1.54 11.95 -15.67
C ILE A 185 2.05 12.86 -14.57
N ARG A 186 1.54 14.10 -14.51
CA ARG A 186 1.97 15.02 -13.47
C ARG A 186 1.54 14.55 -12.08
N LEU A 187 0.42 13.84 -12.00
CA LEU A 187 -0.01 13.33 -10.70
C LEU A 187 0.97 12.22 -10.30
N ILE A 188 1.43 11.45 -11.30
CA ILE A 188 2.40 10.39 -11.03
C ILE A 188 3.71 11.04 -10.57
N ILE A 189 4.18 12.02 -11.33
CA ILE A 189 5.41 12.73 -11.00
C ILE A 189 5.34 13.35 -9.62
N ARG A 190 4.17 13.88 -9.27
CA ARG A 190 3.97 14.51 -7.97
C ARG A 190 4.30 13.48 -6.87
N ASP A 191 3.96 12.22 -7.13
CA ASP A 191 4.25 11.15 -6.19
C ASP A 191 5.72 10.72 -6.22
N GLU A 192 6.24 10.43 -7.41
CA GLU A 192 7.63 9.96 -7.56
C GLU A 192 8.62 10.97 -6.96
N ALA A 193 8.37 12.25 -7.17
CA ALA A 193 9.26 13.28 -6.63
C ALA A 193 9.34 13.17 -5.12
N VAL A 194 8.20 12.93 -4.47
CA VAL A 194 8.22 12.80 -3.02
C VAL A 194 8.86 11.45 -2.63
N HIS A 195 8.56 10.39 -3.39
CA HIS A 195 9.15 9.10 -3.10
C HIS A 195 10.67 9.19 -3.11
N GLY A 196 11.23 9.77 -4.17
CA GLY A 196 12.67 9.92 -4.29
C GLY A 196 13.29 10.76 -3.19
N TYR A 197 12.60 11.83 -2.84
CA TYR A 197 13.03 12.73 -1.78
C TYR A 197 13.12 11.99 -0.44
N TYR A 198 12.06 11.26 -0.12
CA TYR A 198 11.95 10.53 1.14
C TYR A 198 12.93 9.38 1.26
N ILE A 199 12.99 8.53 0.25
CA ILE A 199 13.90 7.41 0.27
C ILE A 199 15.34 7.93 0.31
N GLY A 200 15.60 8.99 -0.45
CA GLY A 200 16.93 9.59 -0.45
C GLY A 200 17.31 10.15 0.91
N TYR A 201 16.31 10.72 1.59
CA TYR A 201 16.48 11.28 2.92
C TYR A 201 16.86 10.16 3.91
N LYS A 202 16.14 9.05 3.85
CA LYS A 202 16.41 7.91 4.73
C LYS A 202 17.79 7.33 4.46
N TYR A 203 18.24 7.43 3.21
CA TYR A 203 19.55 6.94 2.82
C TYR A 203 20.61 7.78 3.51
N GLN A 204 20.41 9.09 3.48
CA GLN A 204 21.34 10.04 4.08
C GLN A 204 21.49 9.81 5.58
N ILE A 205 20.39 9.57 6.27
CA ILE A 205 20.43 9.31 7.70
C ILE A 205 21.25 8.05 8.00
N ALA A 206 21.10 7.02 7.15
CA ALA A 206 21.84 5.78 7.33
C ALA A 206 23.33 6.00 7.14
N LEU A 207 23.69 6.91 6.23
CA LEU A 207 25.10 7.22 5.98
C LEU A 207 25.83 7.74 7.21
N GLN A 208 25.16 8.58 8.00
CA GLN A 208 25.78 9.16 9.18
C GLN A 208 26.15 8.12 10.24
N LYS A 209 25.52 6.96 10.16
CA LYS A 209 25.77 5.89 11.11
C LYS A 209 26.90 4.99 10.63
N LEU A 210 27.52 5.38 9.53
CA LEU A 210 28.63 4.60 8.97
C LEU A 210 29.94 5.37 9.14
N SER A 211 31.06 4.70 8.89
CA SER A 211 32.36 5.35 9.00
C SER A 211 32.57 6.17 7.74
N ALA A 212 33.71 6.85 7.66
CA ALA A 212 34.03 7.66 6.49
C ALA A 212 34.42 6.77 5.32
N ILE A 213 35.13 5.68 5.60
CA ILE A 213 35.56 4.77 4.56
C ILE A 213 34.34 4.11 3.90
N GLU A 214 33.34 3.77 4.71
CA GLU A 214 32.12 3.16 4.21
C GLU A 214 31.29 4.14 3.39
N ARG A 215 31.12 5.36 3.91
CA ARG A 215 30.36 6.36 3.19
C ARG A 215 31.01 6.64 1.84
N GLU A 216 32.34 6.59 1.80
CA GLU A 216 33.07 6.83 0.56
C GLU A 216 32.82 5.69 -0.44
N GLU A 217 32.77 4.45 0.05
CA GLU A 217 32.52 3.33 -0.84
C GLU A 217 31.16 3.54 -1.49
N LEU A 218 30.13 3.77 -0.67
CA LEU A 218 28.78 3.97 -1.16
C LEU A 218 28.71 5.10 -2.19
N LYS A 219 29.45 6.18 -1.96
CA LYS A 219 29.45 7.30 -2.90
C LYS A 219 29.97 6.83 -4.26
N LEU A 220 31.09 6.12 -4.24
CA LEU A 220 31.67 5.61 -5.48
C LEU A 220 30.72 4.63 -6.15
N PHE A 221 30.09 3.76 -5.35
CA PHE A 221 29.13 2.81 -5.88
C PHE A 221 28.00 3.56 -6.58
N ALA A 222 27.52 4.62 -5.93
CA ALA A 222 26.43 5.42 -6.46
C ALA A 222 26.76 5.97 -7.83
N LEU A 223 27.92 6.61 -7.95
CA LEU A 223 28.33 7.17 -9.24
C LEU A 223 28.55 6.08 -10.30
N ASP A 224 29.08 4.92 -9.92
CA ASP A 224 29.27 3.86 -10.91
C ASP A 224 27.92 3.31 -11.38
N LEU A 225 27.00 3.08 -10.45
CA LEU A 225 25.69 2.56 -10.82
C LEU A 225 24.99 3.58 -11.72
N LEU A 226 25.09 4.86 -11.38
CA LEU A 226 24.47 5.90 -12.19
C LEU A 226 25.01 5.89 -13.62
N MET A 227 26.33 5.80 -13.78
CA MET A 227 26.89 5.78 -15.13
C MET A 227 26.40 4.54 -15.87
N GLU A 228 26.30 3.42 -15.17
CA GLU A 228 25.84 2.19 -15.82
C GLU A 228 24.40 2.40 -16.32
N LEU A 229 23.54 2.90 -15.44
CA LEU A 229 22.13 3.16 -15.79
C LEU A 229 21.99 4.27 -16.81
N TYR A 230 22.80 5.31 -16.67
CA TYR A 230 22.76 6.44 -17.57
C TYR A 230 23.07 6.02 -19.01
N ASP A 231 24.16 5.29 -19.18
CA ASP A 231 24.55 4.85 -20.51
C ASP A 231 23.52 3.92 -21.11
N ASN A 232 22.98 3.02 -20.30
CA ASN A 232 21.97 2.10 -20.80
C ASN A 232 20.68 2.85 -21.16
N GLU A 233 20.44 3.97 -20.46
CA GLU A 233 19.24 4.76 -20.73
C GLU A 233 19.42 5.52 -22.05
N ILE A 234 20.66 5.87 -22.36
CA ILE A 234 21.00 6.56 -23.61
C ILE A 234 20.64 5.61 -24.74
N ARG A 235 21.05 4.34 -24.61
CA ARG A 235 20.74 3.34 -25.62
C ARG A 235 19.24 3.10 -25.73
N TYR A 236 18.56 3.09 -24.60
CA TYR A 236 17.11 2.90 -24.58
C TYR A 236 16.47 4.06 -25.34
N THR A 237 16.95 5.27 -25.06
CA THR A 237 16.44 6.47 -25.69
C THR A 237 16.71 6.57 -27.18
N GLU A 238 17.95 6.32 -27.59
CA GLU A 238 18.27 6.42 -29.02
C GLU A 238 17.42 5.47 -29.85
N ALA A 239 17.17 4.28 -29.32
CA ALA A 239 16.36 3.30 -30.04
C ALA A 239 14.90 3.73 -30.12
N LEU A 240 14.30 4.09 -28.99
CA LEU A 240 12.91 4.52 -28.97
C LEU A 240 12.62 5.78 -29.78
N TYR A 241 13.46 6.79 -29.61
CA TYR A 241 13.23 8.04 -30.31
C TYR A 241 13.98 8.20 -31.62
N ALA A 242 14.43 7.09 -32.18
CA ALA A 242 15.15 7.13 -33.46
C ALA A 242 14.28 7.83 -34.51
N GLU A 243 14.90 8.74 -35.27
CA GLU A 243 14.21 9.46 -36.32
C GLU A 243 13.12 10.47 -35.91
N THR A 244 12.94 10.70 -34.62
CA THR A 244 11.94 11.67 -34.19
C THR A 244 12.56 13.06 -34.15
N GLY A 245 13.88 13.11 -34.04
CA GLY A 245 14.56 14.38 -33.96
C GLY A 245 14.52 14.89 -32.53
N TRP A 246 13.99 14.08 -31.61
CA TRP A 246 13.91 14.49 -30.22
C TRP A 246 14.93 13.83 -29.29
N VAL A 247 15.79 12.98 -29.83
CA VAL A 247 16.78 12.29 -29.00
C VAL A 247 17.65 13.23 -28.16
N ASN A 248 18.21 14.27 -28.76
CA ASN A 248 19.03 15.16 -27.95
C ASN A 248 18.25 15.90 -26.87
N ASP A 249 16.97 16.16 -27.10
CA ASP A 249 16.21 16.84 -26.03
C ASP A 249 15.97 15.88 -24.89
N VAL A 250 15.69 14.62 -25.21
CA VAL A 250 15.45 13.63 -24.16
C VAL A 250 16.74 13.43 -23.34
N LYS A 251 17.88 13.42 -24.01
CA LYS A 251 19.16 13.24 -23.31
C LYS A 251 19.39 14.36 -22.31
N ALA A 252 19.13 15.59 -22.73
CA ALA A 252 19.29 16.74 -21.85
C ALA A 252 18.38 16.58 -20.64
N PHE A 253 17.19 16.04 -20.88
CA PHE A 253 16.20 15.82 -19.84
C PHE A 253 16.71 14.72 -18.90
N LEU A 254 17.47 13.76 -19.45
CA LEU A 254 18.02 12.68 -18.65
C LEU A 254 19.09 13.21 -17.68
N CYS A 255 20.00 14.03 -18.19
CA CYS A 255 21.04 14.60 -17.34
C CYS A 255 20.42 15.50 -16.27
N TYR A 256 19.40 16.26 -16.68
CA TYR A 256 18.70 17.17 -15.78
C TYR A 256 18.16 16.39 -14.57
N ASN A 257 17.46 15.30 -14.84
CA ASN A 257 16.89 14.48 -13.79
C ASN A 257 17.93 13.63 -13.05
N ALA A 258 19.04 13.30 -13.71
CA ALA A 258 20.10 12.54 -13.07
C ALA A 258 20.68 13.41 -11.94
N ASN A 259 20.84 14.71 -12.20
CA ASN A 259 21.36 15.59 -11.15
C ASN A 259 20.40 15.65 -9.96
N LYS A 260 19.10 15.62 -10.22
CA LYS A 260 18.12 15.68 -9.12
C LYS A 260 18.19 14.38 -8.31
N ALA A 261 18.35 13.25 -9.01
CA ALA A 261 18.45 11.96 -8.33
C ALA A 261 19.66 12.02 -7.39
N LEU A 262 20.78 12.49 -7.92
CA LEU A 262 22.00 12.60 -7.13
C LEU A 262 21.82 13.49 -5.91
N MET A 263 21.15 14.63 -6.10
CA MET A 263 20.93 15.53 -4.98
C MET A 263 19.98 14.91 -3.96
N ASN A 264 19.03 14.10 -4.41
CA ASN A 264 18.13 13.41 -3.48
C ASN A 264 18.88 12.45 -2.56
N LEU A 265 20.05 11.99 -3.00
CA LEU A 265 20.91 11.09 -2.21
C LEU A 265 21.93 11.91 -1.43
N GLY A 266 21.84 13.23 -1.56
CA GLY A 266 22.74 14.12 -0.86
C GLY A 266 24.04 14.45 -1.57
N TYR A 267 24.19 14.02 -2.83
CA TYR A 267 25.41 14.30 -3.57
C TYR A 267 25.23 15.53 -4.46
N GLU A 268 26.35 16.06 -4.96
CA GLU A 268 26.34 17.24 -5.83
C GLU A 268 26.05 16.88 -7.28
N ALA A 269 25.49 17.84 -8.02
CA ALA A 269 25.16 17.63 -9.42
C ALA A 269 26.41 17.16 -10.15
N LEU A 270 26.24 16.19 -11.05
CA LEU A 270 27.35 15.65 -11.81
C LEU A 270 27.38 16.16 -13.25
N PHE A 271 26.21 16.34 -13.86
CA PHE A 271 26.16 16.83 -15.24
C PHE A 271 26.12 18.34 -15.31
N PRO A 272 27.05 18.94 -16.07
CA PRO A 272 27.14 20.39 -16.24
C PRO A 272 25.92 20.94 -16.96
N PRO A 273 25.72 22.27 -16.89
CA PRO A 273 24.57 22.91 -17.53
C PRO A 273 24.46 22.67 -19.03
N GLU A 274 25.60 22.56 -19.72
CA GLU A 274 25.52 22.35 -21.17
C GLU A 274 25.01 20.96 -21.58
N MET A 275 24.93 20.03 -20.64
CA MET A 275 24.41 18.70 -20.95
C MET A 275 22.99 18.55 -20.40
N ALA A 276 22.63 19.42 -19.48
CA ALA A 276 21.31 19.37 -18.86
C ALA A 276 20.45 20.58 -19.20
N ASP A 277 20.65 21.14 -20.39
CA ASP A 277 19.89 22.31 -20.81
C ASP A 277 18.56 21.90 -21.44
N VAL A 278 17.54 21.83 -20.59
CA VAL A 278 16.21 21.44 -21.05
C VAL A 278 15.45 22.61 -21.67
N ASN A 279 14.80 22.35 -22.81
CA ASN A 279 14.03 23.36 -23.50
C ASN A 279 12.97 23.88 -22.52
N PRO A 280 12.93 25.19 -22.29
CA PRO A 280 11.98 25.79 -21.37
C PRO A 280 10.53 25.37 -21.59
N ALA A 281 10.21 24.93 -22.81
CA ALA A 281 8.85 24.50 -23.11
C ALA A 281 8.53 23.22 -22.34
N ILE A 282 9.54 22.36 -22.19
CA ILE A 282 9.38 21.10 -21.47
C ILE A 282 9.26 21.40 -19.99
N LEU A 283 10.11 22.28 -19.48
CA LEU A 283 10.08 22.66 -18.08
C LEU A 283 8.72 23.30 -17.74
N ALA A 284 8.20 24.10 -18.65
CA ALA A 284 6.92 24.77 -18.45
C ALA A 284 5.78 23.77 -18.37
N ALA A 285 5.76 22.82 -19.32
CA ALA A 285 4.71 21.80 -19.35
C ALA A 285 4.81 20.89 -18.13
N LEU A 286 6.03 20.72 -17.63
CA LEU A 286 6.26 19.86 -16.49
C LEU A 286 5.58 20.42 -15.23
N SER A 287 5.67 21.74 -15.06
CA SER A 287 5.06 22.39 -13.91
C SER A 287 4.45 23.73 -14.31
N PRO A 288 3.28 23.70 -14.96
CA PRO A 288 2.57 24.89 -15.42
C PRO A 288 2.29 25.93 -14.32
N ILE B 6 9.78 -10.46 -14.03
CA ILE B 6 8.56 -9.63 -13.84
C ILE B 6 8.15 -8.93 -15.13
N SER B 7 6.84 -9.00 -15.43
CA SER B 7 6.29 -8.37 -16.63
C SER B 7 5.43 -7.17 -16.22
N ALA B 8 5.23 -6.26 -17.16
CA ALA B 8 4.41 -5.09 -16.89
C ALA B 8 2.97 -5.57 -16.73
N ILE B 9 2.32 -5.14 -15.66
CA ILE B 9 0.95 -5.55 -15.43
C ILE B 9 0.03 -4.96 -16.52
N ASN B 10 -1.02 -5.69 -16.86
CA ASN B 10 -1.96 -5.26 -17.87
C ASN B 10 -3.39 -5.37 -17.32
N TRP B 11 -4.01 -4.24 -16.97
CA TRP B 11 -5.36 -4.29 -16.42
C TRP B 11 -6.44 -4.47 -17.48
N ASN B 12 -6.02 -4.64 -18.74
CA ASN B 12 -6.99 -4.85 -19.79
C ASN B 12 -6.99 -6.33 -20.18
N LYS B 13 -6.33 -7.12 -19.34
CA LYS B 13 -6.29 -8.58 -19.51
C LYS B 13 -6.45 -9.21 -18.13
N ILE B 14 -7.58 -8.92 -17.50
CA ILE B 14 -7.90 -9.44 -16.18
C ILE B 14 -7.99 -10.98 -16.29
N GLN B 15 -7.40 -11.67 -15.32
CA GLN B 15 -7.40 -13.13 -15.32
C GLN B 15 -8.51 -13.66 -14.41
N ASP B 16 -9.02 -12.82 -13.52
CA ASP B 16 -10.13 -13.17 -12.64
C ASP B 16 -10.88 -11.86 -12.36
N ASP B 17 -12.09 -11.74 -12.87
CA ASP B 17 -12.87 -10.52 -12.68
C ASP B 17 -12.98 -10.07 -11.24
N LYS B 18 -12.97 -11.00 -10.29
CA LYS B 18 -13.08 -10.58 -8.91
C LYS B 18 -11.89 -9.72 -8.47
N ASP B 19 -10.75 -9.87 -9.16
CA ASP B 19 -9.57 -9.06 -8.84
C ASP B 19 -9.89 -7.58 -9.15
N LEU B 20 -10.52 -7.33 -10.29
CA LEU B 20 -10.87 -5.97 -10.70
C LEU B 20 -11.99 -5.42 -9.81
N GLU B 21 -12.97 -6.25 -9.51
CA GLU B 21 -14.10 -5.86 -8.66
C GLU B 21 -13.60 -5.36 -7.32
N VAL B 22 -12.80 -6.17 -6.63
CA VAL B 22 -12.26 -5.80 -5.33
C VAL B 22 -11.33 -4.60 -5.40
N TRP B 23 -10.53 -4.52 -6.47
CA TRP B 23 -9.63 -3.37 -6.62
C TRP B 23 -10.46 -2.10 -6.71
N ASN B 24 -11.54 -2.14 -7.48
CA ASN B 24 -12.37 -0.96 -7.62
C ASN B 24 -13.11 -0.60 -6.33
N ARG B 25 -13.56 -1.62 -5.61
CA ARG B 25 -14.27 -1.40 -4.35
C ARG B 25 -13.39 -0.74 -3.30
N LEU B 26 -12.23 -1.36 -3.05
CA LEU B 26 -11.32 -0.85 -2.06
C LEU B 26 -10.73 0.53 -2.37
N THR B 27 -10.42 0.78 -3.65
CA THR B 27 -9.88 2.09 -4.02
C THR B 27 -10.96 3.18 -4.01
N SER B 28 -12.18 2.83 -4.43
CA SER B 28 -13.30 3.78 -4.43
C SER B 28 -13.61 4.18 -3.00
N ASN B 29 -13.44 3.23 -2.08
CA ASN B 29 -13.72 3.44 -0.67
C ASN B 29 -12.57 4.05 0.13
N PHE B 30 -11.59 4.63 -0.57
CA PHE B 30 -10.46 5.26 0.11
C PHE B 30 -10.95 6.32 1.09
N TRP B 31 -10.24 6.47 2.21
CA TRP B 31 -10.58 7.48 3.21
C TRP B 31 -9.45 7.69 4.21
N LEU B 32 -9.54 8.79 4.95
CA LEU B 32 -8.55 9.12 5.96
C LEU B 32 -9.31 9.63 7.19
N PRO B 33 -8.79 9.37 8.38
CA PRO B 33 -9.44 9.79 9.63
C PRO B 33 -9.68 11.30 9.69
N GLU B 34 -8.74 12.08 9.15
CA GLU B 34 -8.83 13.53 9.14
C GLU B 34 -10.17 13.95 8.52
N LYS B 35 -10.73 13.09 7.69
CA LYS B 35 -12.00 13.36 7.01
C LYS B 35 -13.20 13.10 7.92
N VAL B 36 -12.94 12.70 9.15
CA VAL B 36 -14.01 12.42 10.11
C VAL B 36 -14.04 13.42 11.26
N PRO B 37 -15.19 14.09 11.47
CA PRO B 37 -15.42 15.10 12.52
C PRO B 37 -15.30 14.52 13.93
N LEU B 38 -14.17 13.91 14.23
CA LEU B 38 -13.96 13.31 15.56
C LEU B 38 -14.13 14.31 16.71
N SER B 39 -13.78 15.57 16.47
CA SER B 39 -13.89 16.60 17.49
C SER B 39 -15.32 16.75 18.03
N ASN B 40 -16.31 16.59 17.16
CA ASN B 40 -17.70 16.69 17.58
C ASN B 40 -18.14 15.57 18.53
N ASP B 41 -17.17 14.88 19.12
CA ASP B 41 -17.47 13.80 20.08
C ASP B 41 -16.83 14.13 21.42
N ILE B 42 -16.08 15.23 21.47
CA ILE B 42 -15.42 15.64 22.69
C ILE B 42 -16.41 15.76 23.86
N PRO B 43 -17.55 16.43 23.63
CA PRO B 43 -18.55 16.59 24.70
C PRO B 43 -19.14 15.24 25.17
N ALA B 44 -19.43 14.38 24.20
CA ALA B 44 -19.98 13.07 24.47
C ALA B 44 -18.95 12.15 25.12
N TRP B 45 -17.68 12.46 24.95
CA TRP B 45 -16.62 11.65 25.54
C TRP B 45 -16.43 11.95 27.03
N GLN B 46 -16.87 13.13 27.46
CA GLN B 46 -16.74 13.49 28.86
C GLN B 46 -17.85 12.88 29.73
N THR B 47 -18.92 12.44 29.09
CA THR B 47 -20.02 11.82 29.81
C THR B 47 -19.56 10.44 30.31
N LEU B 48 -18.68 9.79 29.55
CA LEU B 48 -18.16 8.47 29.94
C LEU B 48 -17.43 8.53 31.29
N SER B 49 -17.37 7.39 31.96
CA SER B 49 -16.71 7.28 33.25
C SER B 49 -15.22 6.95 33.06
N ALA B 50 -14.50 6.82 34.17
CA ALA B 50 -13.08 6.49 34.13
C ALA B 50 -12.88 5.09 33.57
N ALA B 51 -13.68 4.15 34.06
CA ALA B 51 -13.60 2.76 33.62
C ALA B 51 -13.85 2.65 32.12
N GLU B 52 -14.98 3.20 31.67
CA GLU B 52 -15.34 3.17 30.26
C GLU B 52 -14.21 3.72 29.39
N GLN B 53 -13.78 4.94 29.69
CA GLN B 53 -12.70 5.57 28.92
C GLN B 53 -11.47 4.67 28.84
N GLN B 54 -11.10 4.09 29.97
CA GLN B 54 -9.94 3.19 30.00
C GLN B 54 -10.21 2.00 29.10
N LEU B 55 -11.41 1.44 29.23
CA LEU B 55 -11.81 0.30 28.42
C LEU B 55 -11.67 0.63 26.94
N THR B 56 -12.30 1.72 26.51
CA THR B 56 -12.25 2.14 25.13
C THR B 56 -10.83 2.33 24.61
N ILE B 57 -9.99 3.02 25.37
CA ILE B 57 -8.61 3.25 24.96
C ILE B 57 -7.86 1.93 24.81
N ARG B 58 -8.04 1.02 25.76
CA ARG B 58 -7.37 -0.27 25.70
C ARG B 58 -7.87 -1.08 24.50
N VAL B 59 -9.18 -1.10 24.31
CA VAL B 59 -9.79 -1.81 23.20
C VAL B 59 -9.19 -1.33 21.88
N PHE B 60 -9.13 -0.01 21.73
CA PHE B 60 -8.58 0.60 20.53
C PHE B 60 -7.08 0.32 20.35
N THR B 61 -6.35 0.21 21.45
CA THR B 61 -4.92 -0.07 21.38
C THR B 61 -4.73 -1.47 20.81
N GLY B 62 -5.50 -2.43 21.33
CA GLY B 62 -5.41 -3.80 20.87
C GLY B 62 -5.66 -3.87 19.37
N LEU B 63 -6.74 -3.25 18.93
CA LEU B 63 -7.08 -3.22 17.52
C LEU B 63 -5.94 -2.60 16.73
N THR B 64 -5.31 -1.59 17.30
CA THR B 64 -4.19 -0.91 16.65
C THR B 64 -3.03 -1.88 16.41
N LEU B 65 -2.76 -2.74 17.39
CA LEU B 65 -1.67 -3.71 17.25
C LEU B 65 -1.95 -4.67 16.10
N LEU B 66 -3.20 -5.12 15.98
CA LEU B 66 -3.58 -6.04 14.92
C LEU B 66 -3.40 -5.40 13.53
N ASP B 67 -3.95 -4.21 13.33
CA ASP B 67 -3.80 -3.52 12.05
C ASP B 67 -2.31 -3.35 11.73
N THR B 68 -1.52 -3.03 12.75
CA THR B 68 -0.09 -2.84 12.55
C THR B 68 0.51 -4.16 12.06
N ILE B 69 0.07 -5.27 12.64
CA ILE B 69 0.55 -6.59 12.23
C ILE B 69 0.12 -6.88 10.79
N GLN B 70 -1.16 -6.66 10.50
CA GLN B 70 -1.68 -6.93 9.17
C GLN B 70 -0.97 -6.06 8.13
N ASN B 71 -0.59 -4.86 8.52
CA ASN B 71 0.09 -3.91 7.65
C ASN B 71 1.54 -4.32 7.36
N ILE B 72 2.26 -4.68 8.42
CA ILE B 72 3.67 -5.06 8.35
C ILE B 72 3.93 -6.51 7.96
N ALA B 73 3.21 -7.44 8.60
CA ALA B 73 3.41 -8.86 8.33
C ALA B 73 2.31 -9.53 7.53
N GLY B 74 1.07 -9.27 7.89
CA GLY B 74 -0.06 -9.87 7.20
C GLY B 74 -0.09 -9.74 5.69
N ALA B 75 -0.80 -8.72 5.20
CA ALA B 75 -0.94 -8.45 3.78
C ALA B 75 0.35 -8.69 3.00
N PRO B 76 1.50 -8.22 3.53
CA PRO B 76 2.76 -8.42 2.82
C PRO B 76 3.10 -9.90 2.61
N SER B 77 2.90 -10.72 3.64
CA SER B 77 3.22 -12.13 3.51
C SER B 77 2.31 -12.81 2.49
N LEU B 78 1.12 -12.25 2.27
CA LEU B 78 0.17 -12.83 1.31
C LEU B 78 0.52 -12.55 -0.16
N MET B 79 1.33 -11.53 -0.41
CA MET B 79 1.69 -11.20 -1.78
C MET B 79 2.46 -12.30 -2.51
N ALA B 80 3.39 -12.94 -1.82
CA ALA B 80 4.18 -14.01 -2.43
C ALA B 80 3.30 -15.16 -2.90
N ASP B 81 2.08 -15.24 -2.37
CA ASP B 81 1.14 -16.31 -2.73
C ASP B 81 0.05 -15.91 -3.74
N ALA B 82 0.11 -14.67 -4.21
CA ALA B 82 -0.89 -14.19 -5.16
C ALA B 82 -0.85 -15.11 -6.39
N ILE B 83 -2.00 -15.33 -7.02
CA ILE B 83 -2.06 -16.18 -8.20
C ILE B 83 -2.31 -15.38 -9.49
N THR B 84 -2.40 -14.06 -9.37
CA THR B 84 -2.56 -13.18 -10.53
C THR B 84 -1.82 -11.89 -10.20
N PRO B 85 -1.38 -11.14 -11.23
CA PRO B 85 -0.67 -9.89 -10.98
C PRO B 85 -1.60 -8.85 -10.34
N HIS B 86 -2.87 -8.91 -10.70
CA HIS B 86 -3.84 -7.95 -10.17
C HIS B 86 -4.09 -8.15 -8.68
N GLU B 87 -3.94 -9.38 -8.22
CA GLU B 87 -4.13 -9.70 -6.81
C GLU B 87 -3.02 -9.03 -5.99
N GLU B 88 -1.80 -9.04 -6.53
CA GLU B 88 -0.64 -8.43 -5.87
C GLU B 88 -0.91 -6.94 -5.66
N ALA B 89 -1.47 -6.29 -6.67
CA ALA B 89 -1.78 -4.86 -6.58
C ALA B 89 -2.86 -4.64 -5.51
N VAL B 90 -3.89 -5.48 -5.51
CA VAL B 90 -4.97 -5.40 -4.54
C VAL B 90 -4.44 -5.59 -3.13
N LEU B 91 -3.52 -6.53 -2.96
CA LEU B 91 -2.94 -6.78 -1.65
C LEU B 91 -2.12 -5.58 -1.17
N SER B 92 -1.46 -4.87 -2.08
CA SER B 92 -0.68 -3.71 -1.65
C SER B 92 -1.64 -2.62 -1.14
N ASN B 93 -2.85 -2.55 -1.71
CA ASN B 93 -3.84 -1.58 -1.26
C ASN B 93 -4.32 -1.97 0.13
N ILE B 94 -4.57 -3.26 0.32
CA ILE B 94 -5.01 -3.75 1.62
C ILE B 94 -3.97 -3.43 2.68
N SER B 95 -2.71 -3.69 2.38
CA SER B 95 -1.66 -3.40 3.34
C SER B 95 -1.68 -1.91 3.69
N PHE B 96 -1.81 -1.07 2.67
CA PHE B 96 -1.85 0.38 2.89
C PHE B 96 -3.00 0.78 3.79
N MET B 97 -4.23 0.40 3.44
CA MET B 97 -5.36 0.78 4.26
C MET B 97 -5.24 0.27 5.69
N GLU B 98 -4.50 -0.81 5.90
CA GLU B 98 -4.31 -1.32 7.25
C GLU B 98 -3.55 -0.27 8.05
N ALA B 99 -2.63 0.42 7.37
CA ALA B 99 -1.85 1.47 8.02
C ALA B 99 -2.77 2.65 8.36
N VAL B 100 -3.74 2.91 7.49
CA VAL B 100 -4.70 3.98 7.70
C VAL B 100 -5.60 3.61 8.89
N HIS B 101 -6.07 2.37 8.90
CA HIS B 101 -6.90 1.91 10.00
C HIS B 101 -6.19 2.16 11.33
N ALA B 102 -4.98 1.62 11.45
CA ALA B 102 -4.20 1.77 12.67
C ALA B 102 -3.91 3.23 13.01
N ARG B 103 -3.68 4.05 11.99
CA ARG B 103 -3.38 5.45 12.23
C ARG B 103 -4.61 6.16 12.79
N SER B 104 -5.80 5.69 12.38
CA SER B 104 -7.05 6.27 12.83
C SER B 104 -7.17 6.29 14.35
N TYR B 105 -6.69 5.24 15.00
CA TYR B 105 -6.79 5.16 16.46
C TYR B 105 -5.97 6.25 17.13
N SER B 106 -4.81 6.58 16.56
CA SER B 106 -3.99 7.65 17.14
C SER B 106 -4.74 8.97 16.93
N SER B 107 -5.55 9.01 15.87
CA SER B 107 -6.34 10.19 15.56
C SER B 107 -7.44 10.35 16.62
N ILE B 108 -8.00 9.22 17.04
CA ILE B 108 -9.04 9.23 18.05
C ILE B 108 -8.44 9.58 19.42
N PHE B 109 -7.35 8.92 19.79
CA PHE B 109 -6.71 9.20 21.07
C PHE B 109 -6.31 10.67 21.11
N SER B 110 -5.83 11.15 19.97
CA SER B 110 -5.39 12.54 19.83
C SER B 110 -6.49 13.55 20.06
N THR B 111 -7.70 13.23 19.61
CA THR B 111 -8.83 14.15 19.73
C THR B 111 -9.65 14.00 21.01
N LEU B 112 -9.44 12.91 21.75
CA LEU B 112 -10.25 12.70 22.95
C LEU B 112 -9.52 12.24 24.20
N CYS B 113 -8.20 12.20 24.19
CA CYS B 113 -7.49 11.70 25.37
C CYS B 113 -6.22 12.47 25.73
N GLN B 114 -5.61 12.07 26.85
CA GLN B 114 -4.37 12.68 27.34
C GLN B 114 -3.23 11.68 27.20
N THR B 115 -2.04 12.19 26.88
CA THR B 115 -0.85 11.36 26.72
C THR B 115 -0.73 10.37 27.88
N LYS B 116 -1.18 10.81 29.06
CA LYS B 116 -1.12 10.00 30.26
C LYS B 116 -1.93 8.72 30.09
N GLU B 117 -3.21 8.87 29.77
CA GLU B 117 -4.09 7.72 29.59
C GLU B 117 -3.59 6.80 28.47
N VAL B 118 -3.36 7.41 27.30
CA VAL B 118 -2.89 6.67 26.13
C VAL B 118 -1.61 5.89 26.40
N ASP B 119 -0.58 6.57 26.89
CA ASP B 119 0.68 5.89 27.18
C ASP B 119 0.46 4.73 28.15
N ALA B 120 -0.64 4.78 28.87
CA ALA B 120 -0.98 3.73 29.83
C ALA B 120 -1.55 2.51 29.10
N ALA B 121 -2.48 2.77 28.19
CA ALA B 121 -3.11 1.70 27.40
C ALA B 121 -2.09 0.94 26.54
N TYR B 122 -1.05 1.64 26.10
CA TYR B 122 0.00 1.00 25.30
C TYR B 122 0.86 0.12 26.19
N ALA B 123 1.19 0.62 27.38
CA ALA B 123 2.00 -0.14 28.33
C ALA B 123 1.27 -1.45 28.62
N TRP B 124 -0.03 -1.34 28.80
CA TRP B 124 -0.90 -2.48 29.05
C TRP B 124 -0.79 -3.44 27.88
N SER B 125 -0.93 -2.89 26.68
CA SER B 125 -0.86 -3.65 25.43
C SER B 125 0.36 -4.56 25.37
N GLU B 126 1.51 -4.02 25.77
CA GLU B 126 2.77 -4.77 25.76
C GLU B 126 2.80 -5.93 26.76
N GLU B 127 1.92 -5.90 27.75
CA GLU B 127 1.89 -6.93 28.77
C GLU B 127 0.67 -7.84 28.79
N ASN B 128 -0.49 -7.34 28.40
CA ASN B 128 -1.71 -8.15 28.41
C ASN B 128 -1.45 -9.50 27.74
N PRO B 129 -1.57 -10.60 28.51
CA PRO B 129 -1.35 -11.97 28.02
C PRO B 129 -2.19 -12.39 26.80
N PRO B 130 -3.52 -12.31 26.90
CA PRO B 130 -4.36 -12.71 25.75
C PRO B 130 -3.97 -11.96 24.48
N LEU B 131 -3.93 -10.64 24.56
CA LEU B 131 -3.59 -9.80 23.44
C LEU B 131 -2.26 -10.21 22.80
N GLN B 132 -1.21 -10.34 23.62
CA GLN B 132 0.10 -10.73 23.12
C GLN B 132 0.09 -12.15 22.56
N ARG B 133 -0.88 -12.95 22.99
CA ARG B 133 -0.97 -14.33 22.54
C ARG B 133 -1.54 -14.47 21.12
N LYS B 134 -2.68 -13.84 20.85
CA LYS B 134 -3.26 -13.95 19.52
C LYS B 134 -2.35 -13.30 18.50
N ALA B 135 -1.58 -12.31 18.94
CA ALA B 135 -0.65 -11.62 18.06
C ALA B 135 0.49 -12.58 17.73
N GLN B 136 0.87 -13.39 18.73
CA GLN B 136 1.94 -14.35 18.57
C GLN B 136 1.49 -15.49 17.65
N ILE B 137 0.25 -15.92 17.84
CA ILE B 137 -0.31 -17.01 17.03
C ILE B 137 -0.35 -16.65 15.56
N ILE B 138 -0.92 -15.48 15.25
CA ILE B 138 -1.02 -15.02 13.88
C ILE B 138 0.34 -14.84 13.22
N LEU B 139 1.23 -14.07 13.86
CA LEU B 139 2.57 -13.84 13.29
C LEU B 139 3.30 -15.15 13.03
N ALA B 140 2.98 -16.17 13.82
CA ALA B 140 3.60 -17.48 13.66
C ALA B 140 3.29 -18.05 12.28
N HIS B 141 2.04 -17.89 11.84
CA HIS B 141 1.62 -18.39 10.53
C HIS B 141 2.10 -17.50 9.40
N TYR B 142 2.02 -16.18 9.60
CA TYR B 142 2.45 -15.23 8.58
C TYR B 142 3.91 -15.41 8.20
N VAL B 143 4.72 -15.88 9.15
CA VAL B 143 6.14 -16.08 8.89
C VAL B 143 6.45 -17.48 8.38
N SER B 144 5.49 -18.39 8.51
CA SER B 144 5.67 -19.77 8.06
C SER B 144 5.65 -19.85 6.54
N ASP B 145 5.86 -21.06 6.03
CA ASP B 145 5.86 -21.30 4.60
C ASP B 145 4.61 -22.08 4.18
N GLU B 146 3.53 -21.84 4.91
CA GLU B 146 2.24 -22.48 4.64
C GLU B 146 1.27 -21.42 4.10
N PRO B 147 1.29 -21.20 2.77
CA PRO B 147 0.40 -20.21 2.15
C PRO B 147 -1.07 -20.27 2.53
N LEU B 148 -1.66 -21.45 2.52
CA LEU B 148 -3.08 -21.56 2.85
C LEU B 148 -3.39 -21.35 4.32
N LYS B 149 -2.46 -21.70 5.20
CA LYS B 149 -2.69 -21.49 6.63
C LYS B 149 -2.61 -19.99 6.91
N LYS B 150 -1.76 -19.31 6.14
CA LYS B 150 -1.62 -17.87 6.28
C LYS B 150 -2.96 -17.22 5.93
N LYS B 151 -3.62 -17.73 4.90
CA LYS B 151 -4.92 -17.16 4.51
C LYS B 151 -6.00 -17.44 5.54
N ILE B 152 -5.97 -18.62 6.15
CA ILE B 152 -6.94 -18.95 7.18
C ILE B 152 -6.76 -17.94 8.31
N ALA B 153 -5.51 -17.78 8.73
CA ALA B 153 -5.17 -16.83 9.78
C ALA B 153 -5.71 -15.44 9.45
N SER B 154 -5.34 -14.91 8.29
CA SER B 154 -5.81 -13.58 7.89
C SER B 154 -7.31 -13.43 7.93
N VAL B 155 -8.04 -14.43 7.44
CA VAL B 155 -9.49 -14.35 7.45
C VAL B 155 -10.03 -14.31 8.89
N PHE B 156 -9.34 -14.98 9.80
CA PHE B 156 -9.75 -14.98 11.20
C PHE B 156 -9.46 -13.60 11.80
N LEU B 157 -8.31 -13.05 11.44
CA LEU B 157 -7.91 -11.73 11.92
C LEU B 157 -8.88 -10.67 11.40
N GLU B 158 -9.19 -10.76 10.11
CA GLU B 158 -10.07 -9.82 9.43
C GLU B 158 -11.55 -9.92 9.78
N SER B 159 -12.06 -11.14 9.92
CA SER B 159 -13.48 -11.34 10.21
C SER B 159 -13.84 -11.79 11.62
N PHE B 160 -12.85 -11.90 12.51
CA PHE B 160 -13.14 -12.33 13.87
C PHE B 160 -12.42 -11.53 14.96
N LEU B 161 -11.09 -11.65 14.99
CA LEU B 161 -10.27 -10.98 15.99
C LEU B 161 -10.44 -9.47 16.18
N PHE B 162 -11.16 -8.83 15.26
CA PHE B 162 -11.39 -7.38 15.36
C PHE B 162 -12.66 -7.04 16.11
N TYR B 163 -13.76 -7.68 15.72
CA TYR B 163 -15.07 -7.44 16.32
C TYR B 163 -15.12 -7.56 17.83
N SER B 164 -14.09 -8.15 18.42
CA SER B 164 -14.05 -8.28 19.87
C SER B 164 -13.96 -6.87 20.42
N GLY B 165 -13.51 -5.95 19.56
CA GLY B 165 -13.38 -4.57 19.95
C GLY B 165 -14.47 -3.71 19.31
N PHE B 166 -14.68 -3.89 18.00
CA PHE B 166 -15.70 -3.14 17.28
C PHE B 166 -17.04 -3.13 17.99
N TRP B 167 -17.24 -4.08 18.89
CA TRP B 167 -18.49 -4.16 19.64
C TRP B 167 -18.73 -2.86 20.39
N LEU B 168 -17.78 -2.47 21.21
CA LEU B 168 -17.85 -1.26 22.02
C LEU B 168 -18.28 0.01 21.28
N PRO B 169 -17.56 0.38 20.21
CA PRO B 169 -17.90 1.58 19.43
C PRO B 169 -19.32 1.56 18.90
N MET B 170 -19.82 0.36 18.62
CA MET B 170 -21.17 0.21 18.10
C MET B 170 -22.19 0.27 19.23
N TYR B 171 -21.74 -0.01 20.45
CA TYR B 171 -22.63 0.05 21.61
C TYR B 171 -22.90 1.51 21.89
N PHE B 172 -21.83 2.27 22.07
CA PHE B 172 -21.95 3.70 22.34
C PHE B 172 -22.78 4.34 21.24
N SER B 173 -22.53 3.93 20.00
CA SER B 173 -23.26 4.47 18.86
C SER B 173 -24.76 4.34 19.04
N SER B 174 -25.21 3.14 19.42
CA SER B 174 -26.64 2.90 19.62
C SER B 174 -27.17 3.77 20.77
N ARG B 175 -26.30 4.04 21.74
CA ARG B 175 -26.67 4.85 22.90
C ARG B 175 -26.51 6.35 22.60
N GLY B 176 -26.18 6.68 21.36
CA GLY B 176 -26.03 8.06 20.97
C GLY B 176 -24.71 8.72 21.35
N LYS B 177 -23.79 7.96 21.93
CA LYS B 177 -22.49 8.50 22.32
C LYS B 177 -21.43 8.23 21.25
N LEU B 178 -20.50 9.17 21.09
CA LEU B 178 -19.41 9.04 20.14
C LEU B 178 -19.87 8.57 18.76
N THR B 179 -20.92 9.20 18.23
CA THR B 179 -21.45 8.82 16.93
C THR B 179 -20.49 9.01 15.77
N ASN B 180 -19.61 10.01 15.87
CA ASN B 180 -18.64 10.26 14.81
C ASN B 180 -17.60 9.15 14.80
N THR B 181 -17.08 8.83 15.98
CA THR B 181 -16.09 7.77 16.11
C THR B 181 -16.67 6.49 15.51
N ALA B 182 -17.97 6.29 15.71
CA ALA B 182 -18.66 5.12 15.19
C ALA B 182 -18.65 5.14 13.66
N ASP B 183 -18.70 6.34 13.08
CA ASP B 183 -18.69 6.45 11.63
C ASP B 183 -17.32 6.05 11.12
N LEU B 184 -16.29 6.43 11.88
CA LEU B 184 -14.92 6.11 11.53
C LEU B 184 -14.77 4.58 11.52
N ILE B 185 -15.11 3.97 12.66
CA ILE B 185 -15.04 2.52 12.80
C ILE B 185 -15.79 1.83 11.67
N ARG B 186 -16.95 2.40 11.32
CA ARG B 186 -17.77 1.86 10.25
C ARG B 186 -16.98 1.80 8.94
N LEU B 187 -16.16 2.83 8.71
CA LEU B 187 -15.34 2.91 7.51
C LEU B 187 -14.32 1.77 7.52
N ILE B 188 -13.76 1.51 8.70
CA ILE B 188 -12.78 0.44 8.86
C ILE B 188 -13.44 -0.89 8.56
N ILE B 189 -14.63 -1.09 9.11
CA ILE B 189 -15.38 -2.33 8.91
C ILE B 189 -15.71 -2.53 7.43
N ARG B 190 -16.02 -1.44 6.74
CA ARG B 190 -16.34 -1.54 5.33
C ARG B 190 -15.15 -2.11 4.56
N ASP B 191 -13.94 -1.88 5.07
CA ASP B 191 -12.71 -2.39 4.46
C ASP B 191 -12.45 -3.82 4.90
N GLU B 192 -12.42 -4.02 6.22
CA GLU B 192 -12.15 -5.33 6.80
C GLU B 192 -13.07 -6.40 6.21
N ALA B 193 -14.34 -6.06 6.03
CA ALA B 193 -15.33 -6.99 5.50
C ALA B 193 -14.92 -7.51 4.13
N VAL B 194 -14.49 -6.62 3.24
CA VAL B 194 -14.09 -7.02 1.90
C VAL B 194 -12.76 -7.79 1.94
N HIS B 195 -11.88 -7.38 2.84
CA HIS B 195 -10.60 -8.06 3.00
C HIS B 195 -10.79 -9.53 3.33
N GLY B 196 -11.65 -9.80 4.32
CA GLY B 196 -11.91 -11.17 4.73
C GLY B 196 -12.55 -11.94 3.60
N TYR B 197 -13.49 -11.31 2.91
CA TYR B 197 -14.17 -11.93 1.79
C TYR B 197 -13.21 -12.29 0.65
N TYR B 198 -12.39 -11.32 0.25
CA TYR B 198 -11.43 -11.50 -0.83
C TYR B 198 -10.40 -12.58 -0.53
N ILE B 199 -9.76 -12.48 0.63
CA ILE B 199 -8.74 -13.45 1.01
C ILE B 199 -9.37 -14.83 1.15
N GLY B 200 -10.59 -14.88 1.67
CA GLY B 200 -11.28 -16.15 1.82
C GLY B 200 -11.62 -16.72 0.45
N TYR B 201 -11.93 -15.82 -0.48
CA TYR B 201 -12.24 -16.20 -1.86
C TYR B 201 -10.99 -16.85 -2.47
N LYS B 202 -9.85 -16.19 -2.33
CA LYS B 202 -8.59 -16.70 -2.85
C LYS B 202 -8.20 -18.01 -2.17
N TYR B 203 -8.58 -18.15 -0.90
CA TYR B 203 -8.30 -19.37 -0.15
C TYR B 203 -9.00 -20.54 -0.82
N GLN B 204 -10.30 -20.36 -1.07
CA GLN B 204 -11.13 -21.39 -1.70
C GLN B 204 -10.67 -21.81 -3.09
N ILE B 205 -10.08 -20.89 -3.84
CA ILE B 205 -9.59 -21.25 -5.17
C ILE B 205 -8.39 -22.18 -5.03
N ALA B 206 -7.56 -21.94 -4.01
CA ALA B 206 -6.39 -22.77 -3.80
C ALA B 206 -6.79 -24.17 -3.33
N LEU B 207 -7.87 -24.27 -2.57
CA LEU B 207 -8.38 -25.55 -2.08
C LEU B 207 -8.74 -26.55 -3.17
N GLN B 208 -9.52 -26.09 -4.14
CA GLN B 208 -10.00 -26.94 -5.22
C GLN B 208 -8.83 -27.63 -5.95
N LYS B 209 -7.64 -27.09 -5.77
CA LYS B 209 -6.45 -27.63 -6.42
C LYS B 209 -5.66 -28.60 -5.55
N LEU B 210 -6.13 -28.81 -4.32
CA LEU B 210 -5.48 -29.73 -3.39
C LEU B 210 -6.15 -31.10 -3.42
N SER B 211 -5.50 -32.09 -2.81
CA SER B 211 -6.07 -33.43 -2.78
C SER B 211 -7.21 -33.43 -1.78
N ALA B 212 -8.09 -34.42 -1.91
CA ALA B 212 -9.25 -34.56 -1.03
C ALA B 212 -8.83 -34.66 0.44
N ILE B 213 -7.73 -35.36 0.70
CA ILE B 213 -7.23 -35.54 2.06
C ILE B 213 -6.63 -34.23 2.60
N GLU B 214 -6.02 -33.44 1.71
CA GLU B 214 -5.44 -32.17 2.10
C GLU B 214 -6.54 -31.16 2.43
N ARG B 215 -7.66 -31.25 1.72
CA ARG B 215 -8.78 -30.35 1.97
C ARG B 215 -9.36 -30.64 3.35
N GLU B 216 -9.42 -31.91 3.71
CA GLU B 216 -9.93 -32.31 5.01
C GLU B 216 -9.00 -31.82 6.11
N GLU B 217 -7.70 -32.04 5.92
CA GLU B 217 -6.72 -31.60 6.91
C GLU B 217 -6.81 -30.10 7.14
N LEU B 218 -6.92 -29.32 6.08
CA LEU B 218 -7.02 -27.87 6.21
C LEU B 218 -8.30 -27.44 6.89
N LYS B 219 -9.39 -28.14 6.60
CA LYS B 219 -10.67 -27.81 7.21
C LYS B 219 -10.61 -27.98 8.73
N LEU B 220 -10.13 -29.13 9.16
CA LEU B 220 -10.02 -29.39 10.58
C LEU B 220 -9.08 -28.37 11.21
N PHE B 221 -7.94 -28.13 10.55
CA PHE B 221 -6.98 -27.16 11.05
C PHE B 221 -7.64 -25.82 11.34
N ALA B 222 -8.43 -25.34 10.38
CA ALA B 222 -9.14 -24.08 10.52
C ALA B 222 -9.92 -24.05 11.81
N LEU B 223 -10.68 -25.11 12.05
CA LEU B 223 -11.48 -25.23 13.26
C LEU B 223 -10.60 -25.26 14.51
N ASP B 224 -9.47 -25.96 14.41
CA ASP B 224 -8.55 -26.03 15.53
C ASP B 224 -7.96 -24.65 15.85
N LEU B 225 -7.71 -23.85 14.81
CA LEU B 225 -7.15 -22.52 14.99
C LEU B 225 -8.22 -21.56 15.50
N LEU B 226 -9.42 -21.67 14.95
CA LEU B 226 -10.53 -20.82 15.36
C LEU B 226 -10.82 -20.96 16.85
N MET B 227 -10.76 -22.20 17.35
CA MET B 227 -11.02 -22.44 18.76
C MET B 227 -9.88 -21.96 19.65
N GLU B 228 -8.65 -22.14 19.19
CA GLU B 228 -7.49 -21.71 19.97
C GLU B 228 -7.57 -20.19 20.12
N LEU B 229 -8.01 -19.51 19.07
CA LEU B 229 -8.14 -18.06 19.09
C LEU B 229 -9.42 -17.65 19.80
N TYR B 230 -10.44 -18.50 19.68
CA TYR B 230 -11.73 -18.24 20.31
C TYR B 230 -11.64 -18.18 21.82
N ASP B 231 -11.01 -19.18 22.43
CA ASP B 231 -10.87 -19.24 23.88
C ASP B 231 -9.94 -18.15 24.38
N ASN B 232 -8.91 -17.85 23.59
CA ASN B 232 -7.97 -16.81 23.98
C ASN B 232 -8.63 -15.45 23.87
N GLU B 233 -9.65 -15.35 23.03
CA GLU B 233 -10.36 -14.09 22.87
C GLU B 233 -11.36 -14.00 24.01
N ILE B 234 -11.71 -15.16 24.57
CA ILE B 234 -12.63 -15.23 25.70
C ILE B 234 -11.91 -14.66 26.93
N ARG B 235 -10.67 -15.08 27.14
CA ARG B 235 -9.90 -14.58 28.26
C ARG B 235 -9.70 -13.08 28.09
N TYR B 236 -9.50 -12.66 26.85
CA TYR B 236 -9.30 -11.27 26.52
C TYR B 236 -10.57 -10.46 26.81
N THR B 237 -11.71 -11.02 26.42
CA THR B 237 -13.01 -10.37 26.60
C THR B 237 -13.47 -10.24 28.05
N GLU B 238 -13.58 -11.36 28.74
CA GLU B 238 -14.04 -11.35 30.12
C GLU B 238 -13.06 -10.69 31.09
N ALA B 239 -11.88 -10.34 30.59
CA ALA B 239 -10.87 -9.69 31.43
C ALA B 239 -10.90 -8.18 31.22
N LEU B 240 -11.07 -7.77 29.96
CA LEU B 240 -11.10 -6.36 29.62
C LEU B 240 -12.47 -5.75 29.95
N TYR B 241 -13.53 -6.48 29.63
CA TYR B 241 -14.88 -6.00 29.91
C TYR B 241 -15.33 -6.53 31.27
N ALA B 242 -14.36 -6.90 32.10
CA ALA B 242 -14.64 -7.43 33.43
C ALA B 242 -15.69 -6.61 34.17
N GLU B 243 -15.27 -5.46 34.68
CA GLU B 243 -16.14 -4.57 35.45
C GLU B 243 -17.16 -3.81 34.59
N THR B 244 -17.84 -4.50 33.69
CA THR B 244 -18.82 -3.85 32.84
C THR B 244 -20.16 -4.60 32.81
N GLY B 245 -20.08 -5.92 32.88
CA GLY B 245 -21.29 -6.72 32.85
C GLY B 245 -21.78 -6.87 31.41
N TRP B 246 -20.98 -6.42 30.45
CA TRP B 246 -21.35 -6.52 29.05
C TRP B 246 -20.77 -7.79 28.42
N VAL B 247 -19.70 -8.31 29.01
CA VAL B 247 -19.03 -9.50 28.54
C VAL B 247 -19.97 -10.47 27.82
N ASN B 248 -21.19 -10.57 28.34
CA ASN B 248 -22.20 -11.45 27.77
C ASN B 248 -22.49 -11.08 26.32
N ASP B 249 -22.74 -9.80 26.07
CA ASP B 249 -23.03 -9.32 24.72
C ASP B 249 -21.84 -9.60 23.80
N VAL B 250 -20.64 -9.27 24.29
CA VAL B 250 -19.42 -9.46 23.53
C VAL B 250 -19.26 -10.92 23.11
N LYS B 251 -19.49 -11.83 24.05
CA LYS B 251 -19.39 -13.25 23.74
C LYS B 251 -20.34 -13.61 22.62
N ALA B 252 -21.53 -13.04 22.65
CA ALA B 252 -22.53 -13.30 21.63
C ALA B 252 -22.10 -12.74 20.29
N PHE B 253 -21.42 -11.60 20.33
CA PHE B 253 -20.96 -10.93 19.11
C PHE B 253 -19.82 -11.68 18.43
N LEU B 254 -18.84 -12.14 19.20
CA LEU B 254 -17.73 -12.84 18.60
C LEU B 254 -18.09 -14.20 18.01
N CYS B 255 -19.10 -14.86 18.56
CA CYS B 255 -19.54 -16.14 18.01
C CYS B 255 -20.22 -15.84 16.68
N TYR B 256 -20.83 -14.66 16.60
CA TYR B 256 -21.52 -14.22 15.39
C TYR B 256 -20.50 -14.05 14.27
N ASN B 257 -19.38 -13.43 14.61
CA ASN B 257 -18.31 -13.16 13.66
C ASN B 257 -17.45 -14.37 13.33
N ALA B 258 -17.35 -15.31 14.27
CA ALA B 258 -16.56 -16.51 14.06
C ALA B 258 -17.21 -17.34 12.95
N ASN B 259 -18.54 -17.29 12.89
CA ASN B 259 -19.29 -18.00 11.88
C ASN B 259 -19.15 -17.31 10.53
N LYS B 260 -19.11 -15.98 10.56
CA LYS B 260 -18.96 -15.19 9.35
C LYS B 260 -17.59 -15.49 8.74
N ALA B 261 -16.58 -15.57 9.62
CA ALA B 261 -15.22 -15.85 9.21
C ALA B 261 -15.15 -17.19 8.48
N LEU B 262 -15.96 -18.15 8.95
CA LEU B 262 -15.99 -19.46 8.35
C LEU B 262 -16.66 -19.44 6.99
N MET B 263 -17.74 -18.65 6.87
CA MET B 263 -18.45 -18.54 5.60
C MET B 263 -17.47 -18.05 4.54
N ASN B 264 -16.65 -17.07 4.92
CA ASN B 264 -15.66 -16.50 4.01
C ASN B 264 -14.64 -17.52 3.53
N LEU B 265 -14.53 -18.64 4.24
CA LEU B 265 -13.61 -19.70 3.87
C LEU B 265 -14.36 -20.82 3.15
N GLY B 266 -15.69 -20.70 3.10
CA GLY B 266 -16.51 -21.69 2.44
C GLY B 266 -16.93 -22.81 3.37
N TYR B 267 -16.96 -22.53 4.67
CA TYR B 267 -17.34 -23.52 5.67
C TYR B 267 -18.67 -23.17 6.32
N GLU B 268 -19.27 -24.14 7.00
CA GLU B 268 -20.55 -23.93 7.67
C GLU B 268 -20.35 -23.29 9.04
N ALA B 269 -21.41 -22.70 9.58
CA ALA B 269 -21.35 -22.05 10.89
C ALA B 269 -20.88 -23.04 11.95
N LEU B 270 -20.16 -22.53 12.95
CA LEU B 270 -19.64 -23.37 14.03
C LEU B 270 -20.48 -23.25 15.29
N PHE B 271 -20.93 -22.04 15.60
CA PHE B 271 -21.75 -21.82 16.79
C PHE B 271 -23.23 -21.69 16.41
N PRO B 272 -24.11 -22.39 17.14
CA PRO B 272 -25.55 -22.35 16.88
C PRO B 272 -26.09 -20.94 17.08
N PRO B 273 -27.22 -20.61 16.44
CA PRO B 273 -27.83 -19.27 16.57
C PRO B 273 -28.07 -18.84 18.00
N GLU B 274 -28.33 -19.80 18.88
CA GLU B 274 -28.56 -19.53 20.29
C GLU B 274 -27.38 -18.80 20.92
N MET B 275 -26.17 -19.15 20.47
CA MET B 275 -24.95 -18.54 20.99
C MET B 275 -24.51 -17.34 20.17
N ALA B 276 -25.22 -17.06 19.08
CA ALA B 276 -24.88 -15.93 18.22
C ALA B 276 -26.06 -14.98 18.07
N ASP B 277 -26.77 -14.74 19.15
CA ASP B 277 -27.91 -13.83 19.13
C ASP B 277 -27.44 -12.51 19.74
N VAL B 278 -26.84 -11.66 18.91
CA VAL B 278 -26.34 -10.37 19.37
C VAL B 278 -27.46 -9.34 19.45
N ASN B 279 -27.34 -8.42 20.40
CA ASN B 279 -28.32 -7.37 20.59
C ASN B 279 -28.54 -6.68 19.24
N PRO B 280 -29.77 -6.75 18.70
CA PRO B 280 -30.11 -6.13 17.42
C PRO B 280 -29.72 -4.66 17.30
N ALA B 281 -29.74 -3.95 18.42
CA ALA B 281 -29.38 -2.54 18.43
C ALA B 281 -27.94 -2.38 17.93
N ILE B 282 -27.06 -3.25 18.41
CA ILE B 282 -25.66 -3.25 18.02
C ILE B 282 -25.53 -3.57 16.53
N LEU B 283 -26.22 -4.62 16.10
CA LEU B 283 -26.19 -5.03 14.70
C LEU B 283 -26.73 -3.92 13.81
N ALA B 284 -27.46 -2.98 14.41
CA ALA B 284 -28.01 -1.85 13.67
C ALA B 284 -26.90 -0.85 13.42
N ALA B 285 -26.00 -0.71 14.40
CA ALA B 285 -24.87 0.21 14.30
C ALA B 285 -23.79 -0.35 13.38
N LEU B 286 -24.11 -1.46 12.71
CA LEU B 286 -23.17 -2.10 11.79
C LEU B 286 -23.73 -2.06 10.37
#